data_6DIG
#
_entry.id   6DIG
#
_cell.length_a   63.666
_cell.length_b   89.596
_cell.length_c   90.928
_cell.angle_alpha   90.000
_cell.angle_beta   99.517
_cell.angle_gamma   90.000
#
_symmetry.space_group_name_H-M   'C 1 2 1'
#
loop_
_entity.id
_entity.type
_entity.pdbx_description
1 polymer 'MHC class II HLA-DQ-alpha chain'
2 polymer 'HLA class II histocompatibility antigen, DQ beta 1 chain'
3 polymer '13-mer peptide: ALA-GLY-ASN-HIS-ALA-ALA-GLY-ILE-LEU-THR-LEU-GLY-LYS'
4 branched 2-acetamido-2-deoxy-beta-D-glucopyranose-(1-4)-2-acetamido-2-deoxy-beta-D-glucopyranose
5 non-polymer 2-acetamido-2-deoxy-beta-D-glucopyranose
6 non-polymer 2-AMINO-2-HYDROXYMETHYL-PROPANE-1,3-DIOL
7 water water
#
loop_
_entity_poly.entity_id
_entity_poly.type
_entity_poly.pdbx_seq_one_letter_code
_entity_poly.pdbx_strand_id
1 'polypeptide(L)'
;EDIVADHVASCGVNLYQFYGPSGQYTHEFDGDEQFYVDLERKETAWRWPEFSKFGGFDPQGALRNMAVAKHNLNIMIKRY
NSTAATNEVPEVTVFSKSPVTLGQPNTLICLVDNIFPPVVNITWLSNGQSVTEGVSETSFLSKSDHSFFKISYLTFLPSA
DEIYDCKVEHWGLDQPLLKHWEPEIPAPMSELTETVGGGGSLEVLFQ
;
A
2 'polypeptide(L)'
;GSGGGGSPEDFVFQFKGMCYFTNGTERVRLVTRYIYNREEYARFDSDVGVYRAVTPQGRPDAEYWNSQKEVLEGTRAELD
TVCRHNYEVAFRGILQRRVEPTVTISPSRTEALNHHNLLVCSVTDFYPGQIKVRWFRNDQEETAGVVSTPLIRNGDWTFQ
ILVMLEMTPQRGDVYTCHVEHPSLQSPITVEWRAQSESAQSKGTGGGGSLEVLFQ
;
B
3 'polypeptide(L)' AGNHAAGILTLGK C
#
loop_
_chem_comp.id
_chem_comp.type
_chem_comp.name
_chem_comp.formula
NAG D-saccharide, beta linking 2-acetamido-2-deoxy-beta-D-glucopyranose 'C8 H15 N O6'
TRS non-polymer 2-AMINO-2-HYDROXYMETHYL-PROPANE-1,3-DIOL 'C4 H12 N O3 1'
#
# COMPACT_ATOMS: atom_id res chain seq x y z
N ASP A 2 -9.83 14.42 -2.73
CA ASP A 2 -10.02 13.02 -2.35
C ASP A 2 -11.30 12.85 -1.52
N ILE A 3 -11.50 11.64 -1.00
CA ILE A 3 -12.66 11.29 -0.18
C ILE A 3 -12.20 11.04 1.24
N VAL A 4 -12.80 11.78 2.18
CA VAL A 4 -12.50 11.60 3.60
C VAL A 4 -13.31 10.42 4.12
N ALA A 5 -12.64 9.54 4.85
CA ALA A 5 -13.27 8.34 5.40
C ALA A 5 -12.34 7.75 6.45
N ASP A 6 -12.95 7.11 7.46
CA ASP A 6 -12.15 6.43 8.47
C ASP A 6 -11.26 5.36 7.86
N HIS A 7 -11.82 4.52 6.98
CA HIS A 7 -11.06 3.44 6.40
C HIS A 7 -11.43 3.25 4.92
N VAL A 8 -10.43 2.85 4.14
CA VAL A 8 -10.57 2.64 2.71
C VAL A 8 -10.17 1.21 2.42
N ALA A 9 -11.02 0.50 1.67
CA ALA A 9 -10.68 -0.82 1.16
C ALA A 9 -10.80 -0.80 -0.36
N SER A 10 -9.90 -1.51 -1.03
CA SER A 10 -9.98 -1.73 -2.48
C SER A 10 -10.32 -3.20 -2.72
N CYS A 11 -11.52 -3.45 -3.29
CA CYS A 11 -12.09 -4.80 -3.43
C CYS A 11 -12.58 -5.03 -4.89
N GLY A 12 -11.65 -5.22 -5.82
CA GLY A 12 -10.22 -5.15 -5.59
C GLY A 12 -9.49 -4.12 -6.44
N VAL A 13 -8.15 -4.19 -6.44
CA VAL A 13 -7.33 -3.47 -7.40
C VAL A 13 -7.14 -4.40 -8.59
N ASN A 14 -7.64 -3.99 -9.76
CA ASN A 14 -7.48 -4.74 -10.99
C ASN A 14 -6.53 -3.96 -11.88
N LEU A 15 -5.39 -4.56 -12.15
CA LEU A 15 -4.36 -3.97 -12.98
C LEU A 15 -4.20 -4.84 -14.21
N TYR A 16 -4.18 -4.22 -15.39
CA TYR A 16 -3.88 -4.97 -16.60
C TYR A 16 -3.09 -4.07 -17.53
N GLN A 17 -1.95 -4.57 -18.01
CA GLN A 17 -1.06 -3.75 -18.79
C GLN A 17 -0.69 -4.44 -20.09
N PHE A 18 -0.58 -3.64 -21.14
CA PHE A 18 -0.19 -4.14 -22.46
C PHE A 18 1.19 -4.80 -22.42
N TYR A 19 2.13 -4.22 -21.67
CA TYR A 19 3.49 -4.77 -21.62
C TYR A 19 3.48 -6.13 -20.92
N GLY A 20 3.95 -7.16 -21.63
CA GLY A 20 3.84 -8.52 -21.18
C GLY A 20 3.05 -9.39 -22.15
N PRO A 21 1.70 -9.26 -22.15
CA PRO A 21 0.91 -8.45 -21.23
C PRO A 21 0.86 -9.08 -19.86
N SER A 22 0.32 -8.39 -18.87
CA SER A 22 0.24 -8.96 -17.53
C SER A 22 -0.83 -8.27 -16.72
N GLY A 23 -1.39 -9.03 -15.78
CA GLY A 23 -2.39 -8.52 -14.88
C GLY A 23 -1.99 -8.79 -13.44
N GLN A 24 -2.68 -8.10 -12.54
CA GLN A 24 -2.51 -8.28 -11.12
C GLN A 24 -3.86 -8.07 -10.45
N TYR A 25 -4.21 -8.98 -9.54
CA TYR A 25 -5.45 -8.90 -8.78
C TYR A 25 -5.11 -8.97 -7.30
N THR A 26 -5.46 -7.90 -6.57
CA THR A 26 -5.27 -7.84 -5.12
C THR A 26 -6.48 -7.15 -4.48
N HIS A 27 -6.71 -7.44 -3.20
CA HIS A 27 -7.57 -6.63 -2.35
C HIS A 27 -6.69 -5.94 -1.30
N GLU A 28 -7.01 -4.68 -1.02
CA GLU A 28 -6.28 -3.86 -0.08
C GLU A 28 -7.20 -3.32 1.01
N PHE A 29 -6.65 -3.13 2.20
CA PHE A 29 -7.39 -2.49 3.28
C PHE A 29 -6.48 -1.53 4.05
N ASP A 30 -6.87 -0.25 4.09
CA ASP A 30 -6.05 0.81 4.68
C ASP A 30 -4.62 0.77 4.16
N GLY A 31 -4.47 0.38 2.88
CA GLY A 31 -3.19 0.49 2.19
C GLY A 31 -2.30 -0.72 2.26
N ASP A 32 -2.75 -1.80 2.91
CA ASP A 32 -1.98 -3.04 2.98
C ASP A 32 -2.73 -4.15 2.25
N GLU A 33 -1.97 -5.14 1.81
CA GLU A 33 -2.44 -6.17 0.88
C GLU A 33 -3.11 -7.30 1.67
N GLN A 34 -4.44 -7.42 1.53
CA GLN A 34 -5.18 -8.48 2.22
C GLN A 34 -4.93 -9.84 1.60
N PHE A 35 -5.13 -9.98 0.30
CA PHE A 35 -4.79 -11.20 -0.42
C PHE A 35 -4.52 -10.84 -1.87
N TYR A 36 -3.95 -11.78 -2.62
CA TYR A 36 -3.89 -11.61 -4.07
C TYR A 36 -4.49 -12.83 -4.73
N VAL A 37 -4.62 -12.77 -6.05
CA VAL A 37 -4.97 -13.94 -6.83
C VAL A 37 -3.81 -14.25 -7.77
N ASP A 38 -3.30 -15.47 -7.66
CA ASP A 38 -2.34 -16.01 -8.62
C ASP A 38 -3.11 -16.31 -9.90
N LEU A 39 -2.93 -15.44 -10.90
CA LEU A 39 -3.67 -15.56 -12.15
C LEU A 39 -3.25 -16.77 -12.97
N GLU A 40 -2.02 -17.27 -12.78
CA GLU A 40 -1.58 -18.43 -13.55
C GLU A 40 -2.09 -19.72 -12.94
N ARG A 41 -2.01 -19.86 -11.62
CA ARG A 41 -2.58 -21.05 -10.98
C ARG A 41 -4.08 -20.92 -10.76
N LYS A 42 -4.64 -19.71 -10.86
CA LYS A 42 -6.05 -19.44 -10.58
C LYS A 42 -6.38 -19.84 -9.15
N GLU A 43 -5.67 -19.21 -8.22
CA GLU A 43 -5.75 -19.55 -6.81
C GLU A 43 -5.59 -18.29 -5.99
N THR A 44 -6.49 -18.09 -5.03
CA THR A 44 -6.32 -17.04 -4.06
C THR A 44 -5.11 -17.37 -3.19
N ALA A 45 -4.33 -16.33 -2.86
CA ALA A 45 -3.12 -16.54 -2.09
C ALA A 45 -2.88 -15.35 -1.18
N TRP A 46 -1.98 -15.53 -0.21
CA TRP A 46 -1.72 -14.51 0.82
C TRP A 46 -0.22 -14.32 0.95
N ARG A 47 0.28 -13.13 0.60
CA ARG A 47 1.67 -12.81 0.93
C ARG A 47 1.88 -12.80 2.45
N TRP A 48 0.82 -12.51 3.20
CA TRP A 48 0.87 -12.42 4.65
C TRP A 48 -0.17 -13.41 5.19
N PRO A 49 0.23 -14.66 5.41
CA PRO A 49 -0.77 -15.72 5.65
C PRO A 49 -1.59 -15.52 6.91
N GLU A 50 -1.13 -14.69 7.83
CA GLU A 50 -1.97 -14.28 8.96
C GLU A 50 -3.36 -13.85 8.49
N PHE A 51 -3.43 -13.15 7.36
CA PHE A 51 -4.71 -12.57 6.96
C PHE A 51 -5.64 -13.55 6.26
N SER A 52 -5.24 -14.80 6.07
CA SER A 52 -6.16 -15.80 5.53
C SER A 52 -7.29 -16.13 6.50
N LYS A 53 -7.15 -15.81 7.78
CA LYS A 53 -8.27 -16.03 8.68
C LYS A 53 -9.37 -14.98 8.54
N PHE A 54 -9.19 -13.97 7.68
CA PHE A 54 -10.19 -12.96 7.40
C PHE A 54 -10.92 -13.24 6.08
N GLY A 55 -11.22 -14.51 5.81
CA GLY A 55 -12.06 -14.93 4.69
C GLY A 55 -11.27 -15.27 3.45
N GLY A 56 -11.79 -16.25 2.71
CA GLY A 56 -11.20 -16.65 1.45
C GLY A 56 -11.67 -15.75 0.33
N PHE A 57 -11.34 -16.15 -0.91
CA PHE A 57 -11.87 -15.47 -2.09
C PHE A 57 -11.99 -16.47 -3.24
N ASP A 58 -13.11 -16.44 -3.94
CA ASP A 58 -13.32 -17.37 -5.04
C ASP A 58 -12.69 -16.79 -6.30
N PRO A 59 -11.66 -17.43 -6.86
CA PRO A 59 -10.80 -16.72 -7.82
C PRO A 59 -11.45 -16.48 -9.18
N GLN A 60 -12.52 -17.18 -9.56
CA GLN A 60 -13.00 -17.04 -10.93
C GLN A 60 -13.50 -15.62 -11.21
N GLY A 61 -14.03 -14.93 -10.17
CA GLY A 61 -14.38 -13.53 -10.35
C GLY A 61 -13.20 -12.65 -10.73
N ALA A 62 -12.00 -12.97 -10.23
CA ALA A 62 -10.82 -12.17 -10.56
C ALA A 62 -10.34 -12.47 -11.97
N LEU A 63 -10.43 -13.74 -12.37
CA LEU A 63 -10.07 -14.12 -13.74
C LEU A 63 -11.08 -13.58 -14.74
N ARG A 64 -12.36 -13.51 -14.38
CA ARG A 64 -13.34 -12.88 -15.27
C ARG A 64 -13.03 -11.41 -15.43
N ASN A 65 -12.69 -10.74 -14.32
CA ASN A 65 -12.26 -9.34 -14.37
C ASN A 65 -11.06 -9.14 -15.26
N MET A 66 -10.07 -10.03 -15.17
CA MET A 66 -8.89 -9.85 -16.03
C MET A 66 -9.26 -10.02 -17.51
N ALA A 67 -10.16 -10.95 -17.85
CA ALA A 67 -10.59 -11.08 -19.24
C ALA A 67 -11.22 -9.78 -19.75
N VAL A 68 -12.12 -9.21 -18.94
CA VAL A 68 -12.76 -7.94 -19.28
C VAL A 68 -11.75 -6.80 -19.28
N ALA A 69 -10.77 -6.84 -18.38
CA ALA A 69 -9.74 -5.77 -18.33
C ALA A 69 -8.93 -5.76 -19.62
N LYS A 70 -8.46 -6.94 -20.05
CA LYS A 70 -7.76 -7.06 -21.34
C LYS A 70 -8.60 -6.52 -22.49
N HIS A 71 -9.92 -6.81 -22.46
CA HIS A 71 -10.85 -6.31 -23.47
C HIS A 71 -10.99 -4.80 -23.40
N ASN A 72 -11.19 -4.27 -22.19
CA ASN A 72 -11.32 -2.82 -22.02
C ASN A 72 -10.06 -2.07 -22.40
N LEU A 73 -8.88 -2.60 -22.04
CA LEU A 73 -7.64 -1.92 -22.38
C LEU A 73 -7.51 -1.70 -23.88
N ASN A 74 -7.88 -2.70 -24.69
CA ASN A 74 -7.78 -2.52 -26.14
C ASN A 74 -8.71 -1.42 -26.61
N ILE A 75 -9.86 -1.28 -25.98
CA ILE A 75 -10.77 -0.18 -26.34
C ILE A 75 -10.16 1.17 -25.96
N MET A 76 -9.61 1.27 -24.75
CA MET A 76 -9.13 2.58 -24.28
C MET A 76 -7.89 3.04 -25.05
N ILE A 77 -7.02 2.10 -25.46
CA ILE A 77 -5.86 2.45 -26.28
C ILE A 77 -6.29 3.16 -27.57
N LYS A 78 -7.42 2.73 -28.16
CA LYS A 78 -7.88 3.43 -29.35
C LYS A 78 -8.59 4.73 -29.01
N ARG A 79 -9.36 4.75 -27.92
CA ARG A 79 -9.99 6.00 -27.48
C ARG A 79 -8.95 7.11 -27.27
N TYR A 80 -7.78 6.75 -26.73
CA TYR A 80 -6.70 7.69 -26.44
C TYR A 80 -5.66 7.71 -27.56
N ASN A 81 -6.06 7.33 -28.77
CA ASN A 81 -5.20 7.28 -29.98
C ASN A 81 -3.80 6.76 -29.65
N SER A 82 -3.71 5.62 -28.95
CA SER A 82 -2.43 4.94 -28.71
C SER A 82 -1.41 5.80 -27.96
N THR A 83 -1.85 6.42 -26.87
CA THR A 83 -0.97 7.22 -26.03
C THR A 83 -0.39 6.32 -24.94
N ALA A 84 0.92 6.13 -24.95
CA ALA A 84 1.54 5.20 -24.04
C ALA A 84 1.63 5.82 -22.64
N ALA A 85 2.00 5.00 -21.66
CA ALA A 85 2.14 5.48 -20.30
C ALA A 85 3.38 6.36 -20.17
N THR A 86 3.23 7.47 -19.45
CA THR A 86 4.37 8.30 -19.08
C THR A 86 5.24 7.57 -18.06
N ASN A 87 6.53 7.48 -18.34
CA ASN A 87 7.47 6.82 -17.42
C ASN A 87 7.83 7.81 -16.31
N GLU A 88 7.26 7.63 -15.13
CA GLU A 88 7.61 8.49 -14.00
C GLU A 88 8.98 8.08 -13.43
N VAL A 89 9.59 8.99 -12.67
CA VAL A 89 10.83 8.71 -11.96
C VAL A 89 10.46 8.12 -10.60
N PRO A 90 10.79 6.86 -10.32
CA PRO A 90 10.48 6.32 -9.01
C PRO A 90 11.39 6.93 -7.96
N GLU A 91 10.98 6.78 -6.70
CA GLU A 91 11.70 7.33 -5.56
C GLU A 91 12.00 6.16 -4.63
N VAL A 92 13.28 5.93 -4.35
CA VAL A 92 13.74 4.73 -3.65
C VAL A 92 14.29 5.12 -2.28
N THR A 93 13.93 4.35 -1.26
CA THR A 93 14.47 4.52 0.09
C THR A 93 14.65 3.14 0.70
N VAL A 94 15.70 2.98 1.49
CA VAL A 94 16.10 1.69 2.07
C VAL A 94 16.24 1.87 3.57
N PHE A 95 15.65 0.96 4.34
CA PHE A 95 15.68 1.06 5.80
C PHE A 95 15.54 -0.34 6.37
N SER A 96 15.77 -0.45 7.68
CA SER A 96 15.63 -1.73 8.37
C SER A 96 14.29 -1.81 9.08
N LYS A 97 13.81 -3.04 9.28
CA LYS A 97 12.54 -3.22 9.96
C LYS A 97 12.63 -2.83 11.42
N SER A 98 13.75 -3.17 12.08
CA SER A 98 13.95 -2.88 13.50
C SER A 98 15.37 -2.37 13.72
N PRO A 99 15.69 -1.83 14.90
CA PRO A 99 17.05 -1.34 15.12
C PRO A 99 18.06 -2.45 14.94
N VAL A 100 19.23 -2.07 14.44
CA VAL A 100 20.24 -3.03 14.02
C VAL A 100 21.11 -3.39 15.21
N THR A 101 21.27 -4.68 15.45
CA THR A 101 22.16 -5.21 16.46
C THR A 101 22.99 -6.27 15.80
N LEU A 102 24.31 -6.17 15.97
CA LEU A 102 25.23 -7.07 15.30
C LEU A 102 24.90 -8.50 15.68
N GLY A 103 24.69 -9.35 14.67
CA GLY A 103 24.42 -10.75 14.88
C GLY A 103 22.98 -11.08 15.19
N GLN A 104 22.10 -10.08 15.26
CA GLN A 104 20.68 -10.32 15.52
C GLN A 104 19.85 -10.18 14.24
N PRO A 105 19.18 -11.24 13.78
CA PRO A 105 18.52 -11.20 12.45
C PRO A 105 17.59 -10.01 12.29
N ASN A 106 17.70 -9.36 11.14
CA ASN A 106 16.90 -8.19 10.81
C ASN A 106 16.37 -8.35 9.38
N THR A 107 15.65 -7.33 8.91
CA THR A 107 15.09 -7.29 7.57
C THR A 107 15.39 -5.94 6.92
N LEU A 108 16.02 -5.96 5.76
CA LEU A 108 16.23 -4.75 4.99
C LEU A 108 15.04 -4.52 4.08
N ILE A 109 14.59 -3.27 4.02
CA ILE A 109 13.35 -2.91 3.33
C ILE A 109 13.68 -1.87 2.27
N CYS A 110 13.28 -2.14 1.03
CA CYS A 110 13.53 -1.21 -0.07
C CYS A 110 12.18 -0.79 -0.64
N LEU A 111 11.83 0.48 -0.43
CA LEU A 111 10.56 1.03 -0.84
C LEU A 111 10.77 1.75 -2.17
N VAL A 112 10.10 1.27 -3.21
CA VAL A 112 10.14 1.94 -4.49
C VAL A 112 8.77 2.58 -4.66
N ASP A 113 8.75 3.92 -4.66
CA ASP A 113 7.53 4.70 -4.65
C ASP A 113 7.42 5.47 -5.96
N ASN A 114 6.20 5.95 -6.25
CA ASN A 114 5.90 6.69 -7.49
C ASN A 114 6.21 5.86 -8.74
N ILE A 115 5.86 4.59 -8.71
CA ILE A 115 6.10 3.69 -9.83
C ILE A 115 4.99 3.85 -10.85
N PHE A 116 5.37 4.20 -12.07
CA PHE A 116 4.48 4.11 -13.21
C PHE A 116 5.31 4.23 -14.49
N PRO A 117 5.08 3.35 -15.48
CA PRO A 117 4.14 2.23 -15.39
C PRO A 117 4.63 1.15 -14.43
N PRO A 118 3.75 0.23 -14.03
CA PRO A 118 4.20 -0.81 -13.09
C PRO A 118 5.05 -1.87 -13.78
N VAL A 119 6.28 -1.48 -14.11
CA VAL A 119 7.28 -2.34 -14.73
C VAL A 119 8.61 -2.00 -14.07
N VAL A 120 9.11 -2.88 -13.21
CA VAL A 120 10.27 -2.55 -12.39
C VAL A 120 11.03 -3.81 -12.05
N ASN A 121 12.35 -3.68 -11.92
CA ASN A 121 13.22 -4.72 -11.40
C ASN A 121 13.80 -4.19 -10.09
N ILE A 122 13.56 -4.91 -8.99
CA ILE A 122 14.14 -4.59 -7.70
C ILE A 122 15.02 -5.75 -7.29
N THR A 123 16.32 -5.48 -7.18
CA THR A 123 17.30 -6.49 -6.80
C THR A 123 18.12 -5.98 -5.63
N TRP A 124 18.60 -6.92 -4.81
CA TRP A 124 19.48 -6.61 -3.69
C TRP A 124 20.92 -6.94 -4.06
N LEU A 125 21.83 -6.05 -3.67
CA LEU A 125 23.26 -6.23 -3.87
C LEU A 125 23.92 -6.38 -2.51
N SER A 126 24.67 -7.47 -2.34
CA SER A 126 25.56 -7.63 -1.20
C SER A 126 26.98 -7.59 -1.72
N ASN A 127 27.75 -6.63 -1.23
CA ASN A 127 29.11 -6.33 -1.73
C ASN A 127 29.13 -6.28 -3.27
N GLY A 128 28.19 -5.53 -3.82
CA GLY A 128 28.08 -5.33 -5.26
C GLY A 128 27.57 -6.51 -6.07
N GLN A 129 27.13 -7.59 -5.41
CA GLN A 129 26.70 -8.80 -6.10
C GLN A 129 25.23 -9.10 -5.79
N SER A 130 24.51 -9.57 -6.79
CA SER A 130 23.10 -9.84 -6.61
C SER A 130 22.89 -10.95 -5.59
N VAL A 131 21.83 -10.81 -4.81
CA VAL A 131 21.45 -11.76 -3.77
C VAL A 131 20.01 -12.19 -4.04
N THR A 132 19.77 -13.50 -4.08
CA THR A 132 18.42 -14.06 -4.24
C THR A 132 17.85 -14.69 -2.98
N GLU A 133 18.67 -15.36 -2.17
CA GLU A 133 18.18 -15.96 -0.95
C GLU A 133 17.65 -14.89 -0.01
N GLY A 134 16.54 -15.18 0.66
CA GLY A 134 15.95 -14.28 1.63
C GLY A 134 15.23 -13.08 1.07
N VAL A 135 14.99 -13.02 -0.23
CA VAL A 135 14.32 -11.87 -0.84
C VAL A 135 12.85 -12.19 -1.14
N SER A 136 11.97 -11.23 -0.85
CA SER A 136 10.55 -11.32 -1.17
C SER A 136 10.06 -9.90 -1.44
N GLU A 137 8.83 -9.79 -1.97
CA GLU A 137 8.34 -8.45 -2.26
C GLU A 137 6.81 -8.41 -2.27
N THR A 138 6.28 -7.21 -2.06
CA THR A 138 4.86 -6.98 -2.13
C THR A 138 4.39 -7.07 -3.59
N SER A 139 3.09 -6.96 -3.77
CA SER A 139 2.57 -6.73 -5.12
C SER A 139 2.73 -5.25 -5.44
N PHE A 140 2.35 -4.83 -6.64
CA PHE A 140 2.25 -3.40 -6.89
C PHE A 140 1.07 -2.87 -6.09
N LEU A 141 1.37 -2.04 -5.08
CA LEU A 141 0.38 -1.49 -4.18
C LEU A 141 -0.09 -0.16 -4.74
N SER A 142 -1.39 0.10 -4.63
CA SER A 142 -2.00 1.23 -5.33
C SER A 142 -1.91 2.54 -4.53
N LYS A 143 -1.99 3.65 -5.28
CA LYS A 143 -2.02 4.99 -4.72
C LYS A 143 -3.16 5.75 -5.39
N SER A 144 -3.66 6.78 -4.67
CA SER A 144 -4.84 7.49 -5.14
C SER A 144 -4.54 8.34 -6.36
N ASP A 145 -3.26 8.60 -6.66
CA ASP A 145 -2.90 9.25 -7.92
C ASP A 145 -2.69 8.22 -9.04
N HIS A 146 -3.08 6.97 -8.80
CA HIS A 146 -3.06 5.87 -9.76
C HIS A 146 -1.66 5.46 -10.17
N SER A 147 -0.62 5.97 -9.50
CA SER A 147 0.67 5.31 -9.56
C SER A 147 0.68 4.17 -8.54
N PHE A 148 1.83 3.51 -8.41
CA PHE A 148 2.00 2.37 -7.52
C PHE A 148 3.26 2.54 -6.69
N PHE A 149 3.34 1.77 -5.61
CA PHE A 149 4.61 1.53 -4.94
C PHE A 149 4.75 0.04 -4.73
N LYS A 150 5.99 -0.39 -4.52
CA LYS A 150 6.33 -1.79 -4.33
C LYS A 150 7.45 -1.84 -3.31
N ILE A 151 7.43 -2.86 -2.45
CA ILE A 151 8.44 -2.98 -1.41
C ILE A 151 9.11 -4.34 -1.53
N SER A 152 10.45 -4.35 -1.42
CA SER A 152 11.21 -5.59 -1.40
C SER A 152 11.91 -5.77 -0.05
N TYR A 153 12.05 -7.03 0.37
CA TYR A 153 12.56 -7.39 1.69
C TYR A 153 13.78 -8.27 1.56
N LEU A 154 14.75 -8.05 2.43
CA LEU A 154 15.92 -8.93 2.50
C LEU A 154 16.22 -9.22 3.96
N THR A 155 16.01 -10.49 4.36
CA THR A 155 16.43 -10.93 5.68
C THR A 155 17.94 -11.11 5.74
N PHE A 156 18.54 -10.67 6.84
CA PHE A 156 20.00 -10.70 6.91
C PHE A 156 20.44 -10.67 8.38
N LEU A 157 21.70 -11.04 8.59
CA LEU A 157 22.35 -10.95 9.90
C LEU A 157 23.34 -9.78 9.90
N PRO A 158 23.06 -8.71 10.61
CA PRO A 158 23.93 -7.52 10.55
C PRO A 158 25.37 -7.84 10.96
N SER A 159 26.31 -7.28 10.22
CA SER A 159 27.73 -7.47 10.48
C SER A 159 28.45 -6.14 10.28
N ALA A 160 29.68 -6.09 10.78
CA ALA A 160 30.39 -4.82 10.89
C ALA A 160 30.83 -4.27 9.53
N ASP A 161 31.06 -5.14 8.54
CA ASP A 161 31.54 -4.68 7.24
C ASP A 161 30.57 -5.09 6.13
N GLU A 162 29.28 -5.10 6.43
CA GLU A 162 28.30 -5.40 5.41
C GLU A 162 28.19 -4.24 4.41
N ILE A 163 27.88 -4.59 3.17
CA ILE A 163 27.66 -3.62 2.09
C ILE A 163 26.39 -4.02 1.35
N TYR A 164 25.31 -3.28 1.57
CA TYR A 164 24.04 -3.56 0.92
C TYR A 164 23.58 -2.36 0.12
N ASP A 165 23.03 -2.65 -1.07
CA ASP A 165 22.37 -1.69 -1.93
C ASP A 165 21.06 -2.28 -2.42
N CYS A 166 20.09 -1.42 -2.68
CA CYS A 166 18.89 -1.80 -3.39
C CYS A 166 18.99 -1.21 -4.78
N LYS A 167 18.88 -2.06 -5.80
CA LYS A 167 19.11 -1.67 -7.19
C LYS A 167 17.78 -1.71 -7.94
N VAL A 168 17.40 -0.59 -8.55
CA VAL A 168 16.10 -0.42 -9.16
C VAL A 168 16.29 -0.03 -10.63
N GLU A 169 15.66 -0.79 -11.51
CA GLU A 169 15.63 -0.49 -12.93
C GLU A 169 14.21 -0.17 -13.34
N HIS A 170 14.06 0.90 -14.13
CA HIS A 170 12.77 1.48 -14.48
C HIS A 170 13.00 2.44 -15.63
N TRP A 171 12.07 2.43 -16.60
CA TRP A 171 12.21 3.24 -17.80
C TRP A 171 12.26 4.73 -17.51
N GLY A 172 11.73 5.15 -16.34
CA GLY A 172 11.83 6.52 -15.88
C GLY A 172 13.23 6.91 -15.41
N LEU A 173 14.14 5.95 -15.31
CA LEU A 173 15.52 6.18 -14.92
C LEU A 173 16.43 6.07 -16.14
N ASP A 174 17.38 7.01 -16.25
CA ASP A 174 18.36 6.92 -17.34
C ASP A 174 19.26 5.72 -17.17
N GLN A 175 19.57 5.38 -15.93
CA GLN A 175 20.43 4.26 -15.58
C GLN A 175 19.92 3.66 -14.29
N PRO A 176 20.24 2.40 -14.01
CA PRO A 176 19.78 1.79 -12.75
C PRO A 176 20.13 2.63 -11.53
N LEU A 177 19.17 2.75 -10.62
CA LEU A 177 19.38 3.50 -9.39
C LEU A 177 19.83 2.53 -8.30
N LEU A 178 21.01 2.81 -7.71
CA LEU A 178 21.48 2.08 -6.55
C LEU A 178 21.29 2.96 -5.31
N LYS A 179 20.52 2.46 -4.35
CA LYS A 179 20.31 3.17 -3.09
C LYS A 179 21.03 2.38 -2.01
N HIS A 180 22.07 3.00 -1.43
CA HIS A 180 22.90 2.36 -0.43
C HIS A 180 22.22 2.42 0.93
N TRP A 181 22.34 1.35 1.70
CA TRP A 181 21.79 1.33 3.04
C TRP A 181 22.81 1.87 4.04
N GLU A 182 22.43 2.93 4.75
CA GLU A 182 23.26 3.54 5.80
C GLU A 182 22.61 3.31 7.16
N PRO A 183 23.06 2.31 7.94
CA PRO A 183 22.62 2.07 9.32
C PRO A 183 22.74 3.33 10.22
N SER B 7 11.69 2.74 -28.22
CA SER B 7 11.79 2.60 -26.76
C SER B 7 10.64 1.76 -26.21
N PRO B 8 10.88 1.06 -25.10
CA PRO B 8 9.82 0.26 -24.49
C PRO B 8 8.75 1.14 -23.88
N GLU B 9 7.51 0.67 -23.95
CA GLU B 9 6.38 1.48 -23.53
C GLU B 9 5.27 0.56 -23.03
N ASP B 10 4.33 1.14 -22.30
CA ASP B 10 3.26 0.36 -21.70
C ASP B 10 1.97 1.15 -21.86
N PHE B 11 0.86 0.40 -21.83
CA PHE B 11 -0.49 0.92 -21.86
C PHE B 11 -1.24 0.20 -20.75
N VAL B 12 -1.85 0.96 -19.86
CA VAL B 12 -2.28 0.44 -18.57
C VAL B 12 -3.77 0.71 -18.41
N PHE B 13 -4.51 -0.33 -18.03
CA PHE B 13 -5.88 -0.21 -17.58
C PHE B 13 -5.91 -0.59 -16.10
N GLN B 14 -6.64 0.21 -15.32
CA GLN B 14 -6.85 -0.07 -13.91
C GLN B 14 -8.34 0.04 -13.62
N PHE B 15 -8.87 -0.91 -12.85
CA PHE B 15 -10.21 -0.79 -12.28
C PHE B 15 -10.10 -0.93 -10.76
N LYS B 16 -10.68 0.03 -10.04
CA LYS B 16 -10.60 0.04 -8.59
C LYS B 16 -12.01 0.04 -8.01
N GLY B 17 -12.38 -1.05 -7.34
CA GLY B 17 -13.60 -1.11 -6.55
C GLY B 17 -13.36 -0.71 -5.09
N MET B 18 -13.61 0.54 -4.77
CA MET B 18 -13.14 1.12 -3.53
C MET B 18 -14.30 1.34 -2.55
N CYS B 19 -14.10 0.88 -1.32
CA CYS B 19 -15.09 0.97 -0.28
C CYS B 19 -14.59 1.91 0.80
N TYR B 20 -15.39 2.92 1.12
CA TYR B 20 -15.07 3.92 2.12
C TYR B 20 -16.02 3.72 3.31
N PHE B 21 -15.45 3.65 4.52
CA PHE B 21 -16.20 3.39 5.73
C PHE B 21 -15.94 4.52 6.73
N THR B 22 -16.99 5.00 7.40
CA THR B 22 -16.85 6.03 8.41
C THR B 22 -17.69 5.62 9.62
N ASN B 23 -17.26 5.85 10.87
CA ASN B 23 -18.15 5.51 12.04
C ASN B 23 -18.62 4.05 11.99
N GLY B 24 -17.64 3.20 11.94
CA GLY B 24 -18.00 1.80 11.84
C GLY B 24 -18.73 1.54 10.51
N THR B 25 -20.01 1.13 10.56
CA THR B 25 -20.81 0.89 9.36
C THR B 25 -21.79 2.02 9.05
N GLU B 26 -21.80 3.08 9.87
CA GLU B 26 -22.82 4.12 9.75
C GLU B 26 -22.82 4.75 8.37
N ARG B 27 -21.63 5.03 7.82
CA ARG B 27 -21.50 5.62 6.48
C ARG B 27 -20.65 4.71 5.62
N VAL B 28 -21.22 4.20 4.53
CA VAL B 28 -20.55 3.30 3.60
C VAL B 28 -20.73 3.85 2.18
N ARG B 29 -19.64 3.92 1.42
CA ARG B 29 -19.66 4.55 0.11
C ARG B 29 -18.81 3.74 -0.85
N LEU B 30 -19.42 3.26 -1.95
CA LEU B 30 -18.71 2.54 -2.99
C LEU B 30 -18.35 3.51 -4.11
N VAL B 31 -17.11 3.42 -4.59
CA VAL B 31 -16.66 4.23 -5.72
C VAL B 31 -15.87 3.27 -6.61
N THR B 32 -16.40 2.98 -7.79
CA THR B 32 -15.63 2.19 -8.74
C THR B 32 -15.03 3.14 -9.75
N ARG B 33 -13.76 2.92 -10.09
CA ARG B 33 -13.02 3.83 -10.93
C ARG B 33 -12.50 3.07 -12.14
N TYR B 34 -12.66 3.66 -13.31
CA TYR B 34 -12.10 3.16 -14.56
C TYR B 34 -11.03 4.13 -15.01
N ILE B 35 -9.84 3.59 -15.28
CA ILE B 35 -8.62 4.40 -15.39
C ILE B 35 -7.80 3.90 -16.57
N TYR B 36 -7.40 4.80 -17.45
CA TYR B 36 -6.46 4.52 -18.52
C TYR B 36 -5.12 5.16 -18.18
N ASN B 37 -4.05 4.36 -18.17
CA ASN B 37 -2.76 4.80 -17.67
C ASN B 37 -2.92 5.37 -16.25
N ARG B 38 -2.81 6.68 -16.09
CA ARG B 38 -3.01 7.28 -14.76
C ARG B 38 -4.25 8.15 -14.70
N GLU B 39 -5.06 8.17 -15.75
CA GLU B 39 -6.21 9.06 -15.82
C GLU B 39 -7.49 8.26 -15.57
N GLU B 40 -8.22 8.63 -14.51
CA GLU B 40 -9.55 8.05 -14.29
C GLU B 40 -10.56 8.66 -15.26
N TYR B 41 -11.15 7.85 -16.13
CA TYR B 41 -12.05 8.38 -17.16
C TYR B 41 -13.54 8.10 -16.89
N ALA B 42 -13.88 7.10 -16.10
CA ALA B 42 -15.28 6.87 -15.76
C ALA B 42 -15.35 6.36 -14.33
N ARG B 43 -16.47 6.67 -13.67
CA ARG B 43 -16.63 6.40 -12.26
C ARG B 43 -18.09 6.13 -11.90
N PHE B 44 -18.31 5.14 -11.04
CA PHE B 44 -19.57 4.99 -10.35
C PHE B 44 -19.37 5.40 -8.89
N ASP B 45 -20.18 6.35 -8.43
CA ASP B 45 -20.18 6.80 -7.04
C ASP B 45 -21.55 6.49 -6.45
N SER B 46 -21.58 5.64 -5.41
CA SER B 46 -22.85 5.23 -4.84
C SER B 46 -23.64 6.41 -4.26
N ASP B 47 -22.95 7.48 -3.82
CA ASP B 47 -23.70 8.65 -3.36
C ASP B 47 -24.43 9.32 -4.51
N VAL B 48 -23.90 9.24 -5.72
CA VAL B 48 -24.59 9.74 -6.90
C VAL B 48 -25.64 8.73 -7.36
N GLY B 49 -25.23 7.48 -7.53
CA GLY B 49 -26.14 6.42 -7.92
C GLY B 49 -26.18 6.10 -9.39
N VAL B 50 -25.42 6.83 -10.22
CA VAL B 50 -25.30 6.56 -11.65
C VAL B 50 -23.84 6.79 -12.03
N TYR B 51 -23.46 6.26 -13.19
CA TYR B 51 -22.09 6.44 -13.68
C TYR B 51 -21.89 7.87 -14.16
N ARG B 52 -20.66 8.34 -14.05
CA ARG B 52 -20.29 9.66 -14.56
CA ARG B 52 -20.27 9.67 -14.52
C ARG B 52 -19.03 9.55 -15.39
N ALA B 53 -18.94 10.40 -16.41
CA ALA B 53 -17.74 10.49 -17.21
C ALA B 53 -16.76 11.43 -16.52
N VAL B 54 -15.62 10.92 -16.08
CA VAL B 54 -14.66 11.81 -15.42
C VAL B 54 -13.94 12.69 -16.44
N THR B 55 -13.58 12.13 -17.59
CA THR B 55 -13.05 12.86 -18.72
C THR B 55 -13.88 12.55 -19.96
N PRO B 56 -13.75 13.36 -21.02
CA PRO B 56 -14.48 13.04 -22.27
C PRO B 56 -14.36 11.60 -22.73
N GLN B 57 -13.20 10.97 -22.56
CA GLN B 57 -13.04 9.61 -23.06
C GLN B 57 -13.93 8.60 -22.32
N GLY B 58 -14.64 9.01 -21.27
CA GLY B 58 -15.55 8.13 -20.57
C GLY B 58 -17.01 8.41 -20.86
N ARG B 59 -17.29 9.45 -21.66
CA ARG B 59 -18.68 9.75 -22.00
C ARG B 59 -19.39 8.60 -22.70
N PRO B 60 -18.75 7.87 -23.63
CA PRO B 60 -19.43 6.69 -24.20
C PRO B 60 -19.88 5.69 -23.17
N ASP B 61 -19.11 5.51 -22.10
CA ASP B 61 -19.38 4.40 -21.19
C ASP B 61 -20.43 4.73 -20.15
N ALA B 62 -20.35 5.94 -19.57
CA ALA B 62 -21.39 6.46 -18.69
C ALA B 62 -22.77 6.38 -19.35
N GLU B 63 -22.90 6.92 -20.57
CA GLU B 63 -24.19 6.90 -21.24
CA GLU B 63 -24.18 6.90 -21.26
C GLU B 63 -24.65 5.48 -21.52
N TYR B 64 -23.73 4.62 -21.91
CA TYR B 64 -24.05 3.23 -22.22
C TYR B 64 -24.50 2.47 -20.98
N TRP B 65 -23.76 2.61 -19.89
CA TRP B 65 -24.09 1.93 -18.64
C TRP B 65 -25.34 2.52 -18.00
N ASN B 66 -25.51 3.84 -18.06
CA ASN B 66 -26.67 4.46 -17.42
C ASN B 66 -27.96 4.17 -18.16
N SER B 67 -27.87 3.70 -19.42
CA SER B 67 -29.06 3.37 -20.21
C SER B 67 -29.53 1.95 -19.97
N GLN B 68 -28.75 1.13 -19.26
CA GLN B 68 -29.08 -0.26 -18.99
C GLN B 68 -29.44 -0.40 -17.51
N LYS B 69 -30.72 -0.67 -17.26
CA LYS B 69 -31.22 -0.80 -15.90
C LYS B 69 -30.54 -1.94 -15.16
N GLU B 70 -30.26 -3.03 -15.86
CA GLU B 70 -29.62 -4.17 -15.20
C GLU B 70 -28.21 -3.83 -14.74
N VAL B 71 -27.46 -3.05 -15.55
CA VAL B 71 -26.11 -2.63 -15.15
C VAL B 71 -26.19 -1.73 -13.92
N LEU B 72 -27.10 -0.77 -13.94
CA LEU B 72 -27.21 0.19 -12.86
C LEU B 72 -27.58 -0.51 -11.55
N GLU B 73 -28.62 -1.36 -11.58
CA GLU B 73 -28.98 -2.11 -10.39
C GLU B 73 -27.81 -2.98 -9.91
N GLY B 74 -27.05 -3.56 -10.85
CA GLY B 74 -25.97 -4.44 -10.46
C GLY B 74 -24.86 -3.72 -9.73
N THR B 75 -24.54 -2.50 -10.16
CA THR B 75 -23.48 -1.75 -9.50
C THR B 75 -23.95 -1.18 -8.17
N ARG B 76 -25.20 -0.71 -8.12
CA ARG B 76 -25.76 -0.22 -6.86
C ARG B 76 -25.73 -1.32 -5.80
N ALA B 77 -26.11 -2.54 -6.18
CA ALA B 77 -26.10 -3.65 -5.24
C ALA B 77 -24.72 -3.87 -4.61
N GLU B 78 -23.65 -3.53 -5.32
CA GLU B 78 -22.30 -3.87 -4.84
C GLU B 78 -21.96 -3.14 -3.55
N LEU B 79 -22.62 -2.00 -3.29
CA LEU B 79 -22.47 -1.34 -2.00
C LEU B 79 -22.78 -2.30 -0.85
N ASP B 80 -23.84 -3.12 -1.00
CA ASP B 80 -24.15 -4.11 0.04
C ASP B 80 -23.34 -5.39 -0.14
N THR B 81 -23.30 -5.96 -1.36
CA THR B 81 -22.71 -7.27 -1.56
C THR B 81 -21.19 -7.26 -1.56
N VAL B 82 -20.54 -6.11 -1.70
CA VAL B 82 -19.10 -6.02 -1.63
C VAL B 82 -18.64 -5.27 -0.37
N CYS B 83 -19.05 -4.00 -0.21
CA CYS B 83 -18.52 -3.18 0.88
C CYS B 83 -19.06 -3.61 2.24
N ARG B 84 -20.39 -3.60 2.41
CA ARG B 84 -20.95 -4.04 3.68
C ARG B 84 -20.63 -5.50 3.94
N HIS B 85 -20.57 -6.30 2.87
CA HIS B 85 -20.29 -7.71 3.04
C HIS B 85 -18.85 -7.93 3.53
N ASN B 86 -17.88 -7.35 2.85
CA ASN B 86 -16.50 -7.57 3.26
C ASN B 86 -16.19 -6.94 4.61
N TYR B 87 -16.94 -5.92 5.04
CA TYR B 87 -16.73 -5.37 6.38
C TYR B 87 -17.04 -6.41 7.45
N GLU B 88 -18.19 -7.08 7.33
CA GLU B 88 -18.52 -8.16 8.24
C GLU B 88 -17.58 -9.34 8.09
N VAL B 89 -17.20 -9.67 6.86
CA VAL B 89 -16.38 -10.86 6.62
C VAL B 89 -14.94 -10.63 7.07
N ALA B 90 -14.40 -9.44 6.82
CA ALA B 90 -12.96 -9.21 6.92
C ALA B 90 -12.60 -7.99 7.75
N PHE B 91 -13.14 -6.82 7.40
CA PHE B 91 -12.57 -5.57 7.92
C PHE B 91 -12.93 -5.35 9.38
N ARG B 92 -14.09 -5.83 9.85
CA ARG B 92 -14.39 -5.71 11.26
C ARG B 92 -13.29 -6.37 12.09
N GLY B 93 -12.93 -7.60 11.73
CA GLY B 93 -11.85 -8.29 12.42
C GLY B 93 -10.49 -7.63 12.25
N ILE B 94 -10.16 -7.22 11.02
CA ILE B 94 -8.88 -6.56 10.80
C ILE B 94 -8.75 -5.30 11.65
N LEU B 95 -9.87 -4.60 11.89
CA LEU B 95 -9.89 -3.39 12.69
C LEU B 95 -9.74 -3.69 14.19
N GLN B 96 -9.87 -4.93 14.60
CA GLN B 96 -9.60 -5.35 15.96
C GLN B 96 -8.16 -5.79 16.15
N ARG B 97 -7.41 -5.95 15.07
CA ARG B 97 -6.04 -6.44 15.19
C ARG B 97 -5.13 -5.39 15.81
N ARG B 98 -4.35 -5.81 16.80
CA ARG B 98 -3.42 -4.94 17.51
C ARG B 98 -2.06 -5.61 17.55
N VAL B 99 -1.02 -4.86 17.19
CA VAL B 99 0.35 -5.31 17.34
C VAL B 99 1.10 -4.27 18.18
N GLU B 100 1.56 -4.67 19.37
CA GLU B 100 2.16 -3.69 20.28
C GLU B 100 3.54 -3.24 19.77
N PRO B 101 3.83 -1.95 19.82
CA PRO B 101 5.14 -1.49 19.33
C PRO B 101 6.27 -1.90 20.26
N THR B 102 7.44 -2.16 19.66
CA THR B 102 8.68 -2.28 20.42
C THR B 102 9.31 -0.89 20.51
N VAL B 103 9.74 -0.49 21.71
CA VAL B 103 10.19 0.87 21.98
C VAL B 103 11.60 0.80 22.54
N THR B 104 12.54 1.46 21.84
CA THR B 104 13.94 1.38 22.24
C THR B 104 14.60 2.75 22.08
N ILE B 105 15.49 3.11 23.02
CA ILE B 105 16.23 4.35 22.98
C ILE B 105 17.70 4.04 22.78
N SER B 106 18.33 4.72 21.83
CA SER B 106 19.74 4.49 21.66
C SER B 106 20.42 5.82 21.32
N PRO B 107 21.55 6.12 21.94
CA PRO B 107 22.20 7.41 21.71
C PRO B 107 23.05 7.43 20.43
N SER B 108 23.32 8.65 19.96
CA SER B 108 24.10 8.89 18.75
C SER B 108 24.50 10.35 18.65
N ASN B 117 24.50 16.24 21.57
CA ASN B 117 24.28 14.84 21.21
C ASN B 117 22.79 14.53 21.02
N LEU B 118 22.51 13.42 20.34
CA LEU B 118 21.18 13.04 19.89
C LEU B 118 20.74 11.74 20.54
N LEU B 119 19.45 11.66 20.89
CA LEU B 119 18.82 10.48 21.43
C LEU B 119 17.76 10.01 20.43
N VAL B 120 17.72 8.71 20.13
CA VAL B 120 16.84 8.16 19.09
C VAL B 120 15.89 7.15 19.71
N CYS B 121 14.61 7.45 19.67
CA CYS B 121 13.57 6.56 20.14
C CYS B 121 13.01 5.82 18.92
N SER B 122 13.30 4.51 18.81
CA SER B 122 12.77 3.70 17.72
C SER B 122 11.51 3.00 18.21
N VAL B 123 10.41 3.27 17.53
CA VAL B 123 9.13 2.65 17.82
C VAL B 123 8.79 1.79 16.61
N THR B 124 8.89 0.47 16.75
CA THR B 124 8.84 -0.40 15.58
C THR B 124 7.76 -1.48 15.73
N ASP B 125 7.31 -1.96 14.56
CA ASP B 125 6.46 -3.15 14.42
C ASP B 125 5.14 -3.00 15.17
N PHE B 126 4.42 -1.90 14.91
CA PHE B 126 3.12 -1.72 15.53
C PHE B 126 2.03 -1.65 14.46
N TYR B 127 0.78 -1.88 14.91
CA TYR B 127 -0.40 -1.83 14.06
C TYR B 127 -1.61 -1.66 14.96
N PRO B 128 -2.57 -0.80 14.61
CA PRO B 128 -2.61 0.05 13.42
C PRO B 128 -1.74 1.31 13.51
N GLY B 129 -1.97 2.24 12.58
CA GLY B 129 -1.04 3.35 12.38
C GLY B 129 -1.10 4.47 13.41
N GLN B 130 -2.23 4.65 14.09
CA GLN B 130 -2.37 5.72 15.06
C GLN B 130 -1.39 5.56 16.21
N ILE B 131 -0.53 6.56 16.41
CA ILE B 131 0.47 6.50 17.47
C ILE B 131 0.83 7.93 17.85
N LYS B 132 1.33 8.11 19.07
CA LYS B 132 1.86 9.38 19.54
C LYS B 132 3.14 9.08 20.32
N VAL B 133 4.24 9.71 19.92
CA VAL B 133 5.55 9.50 20.54
C VAL B 133 6.00 10.84 21.13
N ARG B 134 6.15 10.90 22.45
CA ARG B 134 6.54 12.13 23.11
C ARG B 134 7.87 11.93 23.85
N TRP B 135 8.63 13.02 23.96
CA TRP B 135 9.88 13.04 24.69
C TRP B 135 9.72 13.83 25.97
N PHE B 136 10.24 13.29 27.06
CA PHE B 136 10.29 13.99 28.33
C PHE B 136 11.72 14.09 28.81
N ARG B 137 12.02 15.18 29.51
CA ARG B 137 13.26 15.33 30.24
C ARG B 137 12.92 15.69 31.68
N ASN B 138 13.27 14.81 32.61
CA ASN B 138 12.94 15.00 34.02
C ASN B 138 11.47 15.33 34.20
N ASP B 139 10.63 14.51 33.56
CA ASP B 139 9.18 14.57 33.64
C ASP B 139 8.59 15.82 33.03
N GLN B 140 9.36 16.58 32.27
CA GLN B 140 8.83 17.75 31.55
C GLN B 140 8.84 17.47 30.05
N GLU B 141 7.72 17.74 29.41
CA GLU B 141 7.62 17.48 27.98
C GLU B 141 8.56 18.40 27.21
N GLU B 142 9.23 17.83 26.22
CA GLU B 142 10.19 18.55 25.38
C GLU B 142 9.61 18.66 23.97
N THR B 143 9.38 19.89 23.52
CA THR B 143 8.90 20.17 22.17
C THR B 143 10.04 20.60 21.25
N ALA B 144 10.97 21.41 21.75
CA ALA B 144 12.08 21.93 20.96
C ALA B 144 13.14 20.88 20.68
N GLY B 145 13.78 21.00 19.53
CA GLY B 145 14.84 20.07 19.19
C GLY B 145 14.40 18.63 18.98
N VAL B 146 13.13 18.40 18.64
CA VAL B 146 12.60 17.05 18.39
C VAL B 146 12.33 16.90 16.90
N VAL B 147 12.80 15.80 16.32
CA VAL B 147 12.59 15.51 14.91
C VAL B 147 11.95 14.14 14.79
N SER B 148 10.74 14.10 14.24
CA SER B 148 10.01 12.84 14.07
C SER B 148 9.91 12.51 12.58
N THR B 149 10.16 11.25 12.22
CA THR B 149 9.90 10.88 10.82
C THR B 149 8.39 10.93 10.56
N PRO B 150 7.97 10.91 9.30
CA PRO B 150 6.59 10.48 9.03
C PRO B 150 6.41 9.07 9.54
N LEU B 151 5.15 8.64 9.63
CA LEU B 151 4.85 7.24 9.83
C LEU B 151 5.44 6.44 8.68
N ILE B 152 6.03 5.30 9.01
CA ILE B 152 6.71 4.48 8.01
C ILE B 152 5.93 3.17 7.88
N ARG B 153 5.40 2.93 6.67
CA ARG B 153 4.68 1.69 6.37
C ARG B 153 5.68 0.62 5.91
N ASN B 154 5.77 -0.47 6.67
CA ASN B 154 6.72 -1.53 6.30
C ASN B 154 6.21 -2.44 5.17
N GLY B 155 4.90 -2.39 4.87
CA GLY B 155 4.29 -3.22 3.84
C GLY B 155 3.88 -4.60 4.31
N ASP B 156 4.37 -5.02 5.46
CA ASP B 156 4.04 -6.31 6.05
C ASP B 156 2.97 -6.18 7.12
N TRP B 157 2.15 -5.13 7.07
CA TRP B 157 1.07 -4.88 8.04
C TRP B 157 1.63 -4.42 9.39
N THR B 158 2.80 -3.79 9.41
CA THR B 158 3.31 -3.07 10.57
C THR B 158 3.80 -1.70 10.11
N PHE B 159 3.83 -0.77 11.07
CA PHE B 159 4.45 0.54 10.89
C PHE B 159 5.64 0.67 11.83
N GLN B 160 6.44 1.70 11.57
CA GLN B 160 7.44 2.15 12.51
C GLN B 160 7.54 3.67 12.44
N ILE B 161 8.19 4.26 13.44
CA ILE B 161 8.41 5.69 13.45
C ILE B 161 9.62 5.94 14.35
N LEU B 162 10.44 6.91 13.96
CA LEU B 162 11.67 7.22 14.68
C LEU B 162 11.65 8.69 15.09
N VAL B 163 11.95 8.94 16.36
CA VAL B 163 11.83 10.28 16.93
C VAL B 163 13.13 10.60 17.65
N MET B 164 13.86 11.58 17.14
CA MET B 164 15.14 11.99 17.68
C MET B 164 14.99 13.22 18.57
N LEU B 165 15.80 13.29 19.63
CA LEU B 165 15.77 14.45 20.51
C LEU B 165 17.18 15.01 20.68
N GLU B 166 17.32 16.32 20.45
CA GLU B 166 18.58 17.03 20.69
C GLU B 166 18.76 17.26 22.19
N MET B 167 19.95 16.98 22.67
CA MET B 167 20.12 16.73 24.09
C MET B 167 21.38 17.42 24.61
N THR B 168 21.25 18.03 25.79
CA THR B 168 22.40 18.56 26.53
C THR B 168 22.21 18.11 27.98
N PRO B 169 22.71 16.93 28.33
CA PRO B 169 22.35 16.34 29.64
C PRO B 169 23.15 16.97 30.78
N GLN B 170 22.43 17.38 31.83
CA GLN B 170 23.02 17.67 33.12
C GLN B 170 23.12 16.37 33.92
N ARG B 171 23.88 16.41 35.00
CA ARG B 171 24.03 15.21 35.82
C ARG B 171 22.72 14.93 36.56
N GLY B 172 22.36 13.65 36.63
CA GLY B 172 21.08 13.27 37.22
C GLY B 172 19.90 13.44 36.30
N ASP B 173 20.10 13.41 34.99
CA ASP B 173 19.01 13.63 34.06
C ASP B 173 18.41 12.30 33.63
N VAL B 174 17.09 12.31 33.48
CA VAL B 174 16.32 11.16 33.04
C VAL B 174 15.54 11.58 31.80
N TYR B 175 15.83 10.92 30.67
CA TYR B 175 15.07 11.14 29.45
C TYR B 175 14.12 9.96 29.24
N THR B 176 12.85 10.26 29.01
CA THR B 176 11.81 9.26 28.79
C THR B 176 11.23 9.42 27.41
N CYS B 177 11.08 8.31 26.69
CA CYS B 177 10.32 8.24 25.45
C CYS B 177 8.94 7.68 25.77
N HIS B 178 7.90 8.42 25.38
CA HIS B 178 6.52 8.17 25.80
C HIS B 178 5.66 7.79 24.59
N VAL B 179 5.14 6.56 24.55
CA VAL B 179 4.47 6.03 23.36
C VAL B 179 3.04 5.60 23.72
N GLU B 180 2.06 6.26 23.13
CA GLU B 180 0.65 5.90 23.24
C GLU B 180 0.22 5.23 21.95
N HIS B 181 -0.46 4.09 22.07
CA HIS B 181 -0.91 3.33 20.92
C HIS B 181 -2.14 2.51 21.30
N PRO B 182 -3.08 2.29 20.37
CA PRO B 182 -4.32 1.55 20.70
C PRO B 182 -4.13 0.19 21.34
N SER B 183 -3.00 -0.49 21.09
CA SER B 183 -2.71 -1.80 21.68
C SER B 183 -2.28 -1.74 23.15
N LEU B 184 -2.00 -0.55 23.70
CA LEU B 184 -1.39 -0.46 25.02
C LEU B 184 -2.43 -0.09 26.06
N GLN B 185 -2.50 -0.88 27.13
CA GLN B 185 -3.37 -0.53 28.24
C GLN B 185 -3.01 0.83 28.83
N SER B 186 -1.71 1.15 28.84
CA SER B 186 -1.20 2.40 29.37
C SER B 186 0.05 2.72 28.56
N PRO B 187 0.35 3.99 28.31
CA PRO B 187 1.48 4.33 27.44
C PRO B 187 2.79 3.69 27.88
N ILE B 188 3.58 3.23 26.90
CA ILE B 188 4.92 2.69 27.17
C ILE B 188 5.88 3.85 27.43
N THR B 189 6.64 3.75 28.50
CA THR B 189 7.68 4.72 28.80
C THR B 189 9.00 3.96 28.86
N VAL B 190 9.99 4.42 28.10
CA VAL B 190 11.34 3.89 28.16
C VAL B 190 12.26 5.01 28.63
N GLU B 191 13.04 4.74 29.68
CA GLU B 191 13.90 5.74 30.31
C GLU B 191 15.33 5.63 29.79
N TRP B 192 16.01 6.77 29.72
CA TRP B 192 17.43 6.76 29.43
C TRP B 192 18.15 7.78 30.29
N ARG B 193 19.32 7.41 30.81
CA ARG B 193 20.18 8.33 31.52
C ARG B 193 21.63 8.04 31.16
N ALA B 194 22.45 9.09 31.12
CA ALA B 194 23.86 8.94 30.75
C ALA B 194 24.62 8.08 31.76
N ALA C 1 -17.69 -18.19 4.28
CA ALA C 1 -16.95 -17.02 4.73
C ALA C 1 -16.01 -16.56 3.64
N GLY C 2 -16.59 -15.88 2.65
CA GLY C 2 -15.83 -15.43 1.50
C GLY C 2 -15.94 -13.95 1.21
N ASN C 3 -14.79 -13.32 0.97
CA ASN C 3 -14.77 -11.96 0.45
C ASN C 3 -15.42 -11.87 -0.94
N HIS C 4 -16.12 -10.78 -1.20
CA HIS C 4 -16.65 -10.48 -2.52
C HIS C 4 -15.85 -9.33 -3.14
N ALA C 5 -16.09 -9.09 -4.42
CA ALA C 5 -15.32 -8.12 -5.20
C ALA C 5 -16.21 -7.44 -6.24
N ALA C 6 -15.88 -6.19 -6.55
CA ALA C 6 -16.59 -5.46 -7.59
C ALA C 6 -16.27 -6.00 -9.00
N GLY C 7 -17.28 -6.04 -9.86
CA GLY C 7 -17.10 -6.58 -11.21
C GLY C 7 -16.72 -5.49 -12.21
N ILE C 8 -15.77 -5.81 -13.09
CA ILE C 8 -15.45 -4.88 -14.17
C ILE C 8 -16.48 -5.04 -15.28
N LEU C 9 -17.08 -3.94 -15.69
CA LEU C 9 -17.99 -3.92 -16.82
C LEU C 9 -17.21 -3.75 -18.12
N THR C 10 -17.72 -4.36 -19.18
CA THR C 10 -17.22 -4.07 -20.51
C THR C 10 -17.72 -2.69 -20.91
N LEU C 11 -16.95 -2.04 -21.77
CA LEU C 11 -17.18 -0.65 -22.09
C LEU C 11 -18.23 -0.50 -23.18
N GLY C 12 -18.63 0.76 -23.41
CA GLY C 12 -19.59 1.10 -24.43
C GLY C 12 -18.96 1.31 -25.80
N LYS C 13 -19.71 2.03 -26.65
CA LYS C 13 -19.26 2.51 -27.95
C LYS C 13 -18.81 1.38 -28.87
C1 NAG D . -20.88 7.32 15.17
C2 NAG D . -21.35 8.67 15.77
C3 NAG D . -22.15 8.78 17.02
C4 NAG D . -23.47 8.15 16.78
C5 NAG D . -23.18 6.73 16.25
C6 NAG D . -24.49 5.97 15.95
C7 NAG D . -19.93 10.70 14.92
C8 NAG D . -18.62 11.48 15.00
N2 NAG D . -20.14 9.56 15.83
O3 NAG D . -22.35 10.16 17.45
O4 NAG D . -24.22 8.10 18.06
O5 NAG D . -22.24 6.66 15.05
O6 NAG D . -25.40 6.81 15.16
O7 NAG D . -20.76 10.95 14.11
C1 NAG D . -25.44 8.93 18.21
C2 NAG D . -26.42 8.41 19.30
C3 NAG D . -27.61 9.29 19.60
C4 NAG D . -27.22 10.70 19.94
C5 NAG D . -26.33 11.27 18.83
C6 NAG D . -25.86 12.63 19.27
C7 NAG D . -26.67 5.86 19.71
C8 NAG D . -27.19 4.49 19.24
N2 NAG D . -26.94 7.06 18.90
O3 NAG D . -28.41 8.79 20.72
O4 NAG D . -28.37 11.52 20.18
O5 NAG D . -25.16 10.40 18.48
O6 NAG D . -24.84 12.50 20.23
O7 NAG D . -26.05 5.95 20.72
C1 NAG E . -7.54 11.42 -30.97
C2 NAG E . -7.16 12.74 -30.19
C3 NAG E . -8.30 13.65 -30.07
C4 NAG E . -9.03 13.92 -31.37
C5 NAG E . -9.41 12.64 -32.09
C6 NAG E . -9.93 12.94 -33.46
C7 NAG E . -7.16 12.04 -27.59
C8 NAG E . -6.32 12.01 -26.28
N2 NAG E . -6.55 12.64 -28.80
O3 NAG E . -7.81 14.90 -29.50
O4 NAG E . -10.24 14.69 -31.16
O5 NAG E . -8.22 11.80 -32.27
O6 NAG E . -9.04 13.89 -34.02
O7 NAG E . -8.29 11.58 -27.57
C1 NAG F . 14.20 -6.34 -15.92
C2 NAG F . 14.42 -5.37 -17.07
C3 NAG F . 14.23 -5.95 -18.42
C4 NAG F . 14.86 -7.31 -18.56
C5 NAG F . 14.33 -8.23 -17.45
C6 NAG F . 14.78 -9.65 -17.64
C7 NAG F . 13.77 -2.89 -16.91
C8 NAG F . 12.71 -1.82 -16.67
N2 NAG F . 13.39 -4.30 -16.85
O3 NAG F . 14.80 -5.07 -19.42
O4 NAG F . 14.57 -7.85 -19.86
O5 NAG F . 14.77 -7.71 -16.14
O6 NAG F . 14.17 -10.17 -18.80
O7 NAG F . 14.89 -2.59 -17.12
C TRS G . 3.08 5.51 1.30
C1 TRS G . 1.83 4.82 1.87
C2 TRS G . 4.32 4.64 1.50
C3 TRS G . 3.31 6.84 2.02
N TRS G . 2.82 5.71 -0.12
O1 TRS G . 2.02 4.60 3.25
O2 TRS G . 4.21 3.49 0.73
O3 TRS G . 3.92 7.80 1.20
#